data_6EIZ
#
_entry.id   6EIZ
#
_cell.length_a   59.080
_cell.length_b   126.230
_cell.length_c   58.240
_cell.angle_alpha   90.00
_cell.angle_beta   90.00
_cell.angle_gamma   90.00
#
_symmetry.space_group_name_H-M   'C 2 2 21'
#
loop_
_entity.id
_entity.type
_entity.pdbx_description
1 polymer CC-Hex2
2 non-polymer (2E,6E)-3,7,11-trimethyldodeca-2,6,10-trien-1-ol
3 water water
#
_entity_poly.entity_id   1
_entity_poly.type   'polypeptide(L)'
_entity_poly.pdbx_seq_one_letter_code
;(ACE)GEIAKSLKEIAKSLKEIAWSLKEIAKSLKG(NH2)
;
_entity_poly.pdbx_strand_id   A,B,C,D,E,F
#
# COMPACT_ATOMS: atom_id res chain seq x y z
N GLY A 2 12.02 15.38 13.53
CA GLY A 2 12.37 14.28 14.40
C GLY A 2 12.35 12.94 13.70
N GLU A 3 12.43 11.87 14.49
CA GLU A 3 12.44 10.51 13.94
C GLU A 3 11.17 10.22 13.14
N ILE A 4 10.05 10.67 13.69
CA ILE A 4 8.77 10.46 13.06
C ILE A 4 8.72 11.17 11.70
N ALA A 5 9.12 12.45 11.67
CA ALA A 5 9.18 13.23 10.43
C ALA A 5 10.11 12.56 9.41
N LYS A 6 11.28 12.18 9.89
CA LYS A 6 12.27 11.49 9.05
C LYS A 6 11.67 10.25 8.40
N SER A 7 11.01 9.44 9.23
CA SER A 7 10.36 8.24 8.75
C SER A 7 9.26 8.57 7.76
N LEU A 8 8.51 9.65 8.01
CA LEU A 8 7.44 10.00 7.10
C LEU A 8 7.98 10.44 5.73
N LYS A 9 9.10 11.15 5.71
CA LYS A 9 9.71 11.50 4.44
C LYS A 9 10.14 10.24 3.69
N GLU A 10 10.68 9.26 4.41
CA GLU A 10 11.06 7.99 3.80
C GLU A 10 9.84 7.29 3.22
N ILE A 11 8.77 7.29 4.00
CA ILE A 11 7.53 6.69 3.59
C ILE A 11 6.98 7.39 2.35
N ALA A 12 7.05 8.72 2.33
CA ALA A 12 6.58 9.45 1.16
C ALA A 12 7.39 9.08 -0.08
N LYS A 13 8.70 8.99 0.05
CA LYS A 13 9.55 8.65 -1.10
C LYS A 13 9.22 7.28 -1.67
N SER A 14 9.02 6.30 -0.80
CA SER A 14 8.71 4.93 -1.22
C SER A 14 7.38 4.85 -1.95
N LEU A 15 6.42 5.65 -1.50
CA LEU A 15 5.10 5.65 -2.11
C LEU A 15 5.16 6.24 -3.51
N LYS A 16 6.08 7.18 -3.72
CA LYS A 16 6.28 7.72 -5.07
C LYS A 16 6.83 6.64 -6.00
N GLU A 17 7.76 5.80 -5.51
CA GLU A 17 8.31 4.71 -6.30
C GLU A 17 7.23 3.69 -6.65
N ILE A 18 6.43 3.36 -5.65
CA ILE A 18 5.33 2.42 -5.78
C ILE A 18 4.27 2.87 -6.81
N ALA A 19 3.88 4.14 -6.74
CA ALA A 19 2.95 4.78 -7.66
C ALA A 19 3.48 4.69 -9.08
N TRP A 20 4.77 4.98 -9.23
CA TRP A 20 5.39 4.90 -10.54
C TRP A 20 5.32 3.48 -11.08
N SER A 21 5.72 2.50 -10.28
CA SER A 21 5.68 1.09 -10.71
C SER A 21 4.27 0.64 -11.09
N LEU A 22 3.27 1.09 -10.34
CA LEU A 22 1.90 0.76 -10.65
C LEU A 22 1.41 1.41 -11.95
N LYS A 23 1.88 2.62 -12.24
CA LYS A 23 1.59 3.23 -13.52
C LYS A 23 2.14 2.36 -14.64
N GLU A 24 3.37 1.85 -14.47
CA GLU A 24 3.98 1.00 -15.48
C GLU A 24 3.19 -0.29 -15.67
N ILE A 25 2.79 -0.86 -14.54
CA ILE A 25 2.05 -2.10 -14.51
C ILE A 25 0.71 -1.94 -15.19
N ALA A 26 0.04 -0.84 -14.88
CA ALA A 26 -1.24 -0.52 -15.49
C ALA A 26 -1.09 -0.43 -17.00
N LYS A 27 -0.03 0.22 -17.47
CA LYS A 27 0.23 0.35 -18.90
C LYS A 27 0.43 -1.01 -19.59
N SER A 28 1.21 -1.89 -18.97
CA SER A 28 1.52 -3.19 -19.56
C SER A 28 0.28 -4.07 -19.72
N LEU A 29 -0.63 -3.94 -18.77
CA LEU A 29 -1.80 -4.80 -18.71
C LEU A 29 -2.91 -4.34 -19.63
N LYS A 30 -2.71 -3.22 -20.30
CA LYS A 30 -3.72 -2.74 -21.22
C LYS A 30 -3.61 -3.48 -22.55
N GLY A 31 -2.37 -3.80 -22.92
CA GLY A 31 -2.10 -4.51 -24.17
C GLY A 31 -2.55 -5.96 -24.15
N GLY B 2 10.21 6.27 20.55
CA GLY B 2 9.20 5.49 21.24
C GLY B 2 8.55 4.44 20.35
N GLU B 3 7.46 3.87 20.82
CA GLU B 3 6.75 2.85 20.08
C GLU B 3 6.27 3.33 18.71
N ILE B 4 5.76 4.55 18.65
CA ILE B 4 5.31 5.09 17.37
C ILE B 4 6.49 5.22 16.41
N ALA B 5 7.59 5.79 16.89
CA ALA B 5 8.78 5.94 16.05
C ALA B 5 9.26 4.58 15.58
N LYS B 6 9.33 3.61 16.50
CA LYS B 6 9.75 2.25 16.13
C LYS B 6 8.88 1.68 15.01
N SER B 7 7.55 1.83 15.13
CA SER B 7 6.62 1.31 14.11
C SER B 7 6.77 2.01 12.76
N LEU B 8 7.00 3.31 12.77
CA LEU B 8 7.15 4.05 11.53
C LEU B 8 8.41 3.60 10.77
N LYS B 9 9.48 3.29 11.51
CA LYS B 9 10.69 2.76 10.88
C LYS B 9 10.44 1.41 10.25
N GLU B 10 9.67 0.57 10.92
CA GLU B 10 9.31 -0.73 10.36
C GLU B 10 8.46 -0.53 9.12
N ILE B 11 7.54 0.42 9.19
CA ILE B 11 6.67 0.74 8.06
C ILE B 11 7.50 1.22 6.86
N ALA B 12 8.48 2.09 7.11
CA ALA B 12 9.35 2.58 6.04
C ALA B 12 10.14 1.46 5.39
N LYS B 13 10.64 0.56 6.24
CA LYS B 13 11.43 -0.60 5.79
C LYS B 13 10.59 -1.50 4.89
N SER B 14 9.36 -1.74 5.31
CA SER B 14 8.46 -2.58 4.53
C SER B 14 8.09 -1.93 3.20
N LEU B 15 7.91 -0.62 3.19
CA LEU B 15 7.56 0.08 1.97
C LEU B 15 8.71 0.04 0.96
N LYS B 16 9.94 0.01 1.46
CA LYS B 16 11.10 -0.16 0.59
C LYS B 16 11.06 -1.55 -0.05
N GLU B 17 10.70 -2.56 0.72
CA GLU B 17 10.59 -3.92 0.18
C GLU B 17 9.51 -4.01 -0.89
N ILE B 18 8.38 -3.39 -0.61
CA ILE B 18 7.23 -3.37 -1.50
C ILE B 18 7.58 -2.68 -2.83
N ALA B 19 8.29 -1.57 -2.72
CA ALA B 19 8.78 -0.83 -3.87
C ALA B 19 9.69 -1.71 -4.73
N TRP B 20 10.59 -2.44 -4.10
CA TRP B 20 11.50 -3.32 -4.83
C TRP B 20 10.71 -4.39 -5.58
N SER B 21 9.79 -5.04 -4.89
CA SER B 21 8.96 -6.08 -5.51
C SER B 21 8.11 -5.59 -6.68
N LEU B 22 7.54 -4.39 -6.54
CA LEU B 22 6.71 -3.81 -7.60
C LEU B 22 7.55 -3.49 -8.84
N LYS B 23 8.81 -3.11 -8.64
CA LYS B 23 9.73 -2.94 -9.76
C LYS B 23 9.96 -4.24 -10.50
N GLU B 24 10.12 -5.34 -9.75
CA GLU B 24 10.32 -6.65 -10.34
C GLU B 24 9.07 -7.07 -11.13
N ILE B 25 7.91 -6.78 -10.56
CA ILE B 25 6.65 -7.11 -11.18
C ILE B 25 6.49 -6.34 -12.49
N ALA B 26 6.82 -5.05 -12.46
CA ALA B 26 6.74 -4.21 -13.66
C ALA B 26 7.64 -4.75 -14.77
N LYS B 27 8.84 -5.18 -14.42
CA LYS B 27 9.79 -5.75 -15.39
C LYS B 27 9.21 -7.00 -16.05
N SER B 28 8.61 -7.87 -15.25
CA SER B 28 8.07 -9.12 -15.74
C SER B 28 6.95 -8.90 -16.74
N LEU B 29 6.14 -7.87 -16.51
CA LEU B 29 4.97 -7.64 -17.33
C LEU B 29 5.31 -6.91 -18.63
N LYS B 30 6.57 -6.51 -18.78
CA LYS B 30 7.05 -5.95 -20.05
C LYS B 30 7.47 -7.04 -21.02
N GLY C 2 -0.54 3.34 23.18
CA GLY C 2 -1.91 3.83 23.17
C GLY C 2 -2.68 3.30 21.98
N GLU C 3 -3.84 3.87 21.75
CA GLU C 3 -4.66 3.45 20.61
C GLU C 3 -3.92 3.68 19.30
N ILE C 4 -3.27 4.83 19.20
CA ILE C 4 -2.49 5.16 18.02
C ILE C 4 -1.32 4.18 17.83
N ALA C 5 -0.56 3.94 18.90
CA ALA C 5 0.55 3.01 18.85
C ALA C 5 0.05 1.62 18.46
N LYS C 6 -1.02 1.18 19.10
CA LYS C 6 -1.61 -0.12 18.77
C LYS C 6 -1.95 -0.20 17.28
N SER C 7 -2.56 0.84 16.73
CA SER C 7 -2.89 0.84 15.30
C SER C 7 -1.64 0.79 14.40
N LEU C 8 -0.58 1.50 14.79
CA LEU C 8 0.63 1.49 13.97
C LEU C 8 1.31 0.12 13.95
N LYS C 9 1.28 -0.60 15.07
CA LYS C 9 1.81 -1.95 15.07
C LYS C 9 1.01 -2.86 14.15
N GLU C 10 -0.31 -2.68 14.14
CA GLU C 10 -1.15 -3.47 13.26
C GLU C 10 -0.77 -3.17 11.81
N ILE C 11 -0.60 -1.88 11.53
CA ILE C 11 -0.24 -1.41 10.20
C ILE C 11 1.13 -1.96 9.80
N ALA C 12 2.09 -1.90 10.72
CA ALA C 12 3.41 -2.43 10.47
C ALA C 12 3.36 -3.93 10.19
N LYS C 13 2.58 -4.66 10.98
CA LYS C 13 2.41 -6.10 10.80
C LYS C 13 1.82 -6.39 9.42
N SER C 14 0.80 -5.62 9.04
CA SER C 14 0.13 -5.80 7.76
C SER C 14 1.06 -5.52 6.59
N LEU C 15 1.90 -4.50 6.73
CA LEU C 15 2.82 -4.16 5.66
C LEU C 15 3.90 -5.23 5.47
N LYS C 16 4.28 -5.92 6.54
CA LYS C 16 5.21 -7.03 6.41
C LYS C 16 4.56 -8.15 5.61
N GLU C 17 3.29 -8.43 5.89
CA GLU C 17 2.56 -9.45 5.15
C GLU C 17 2.44 -9.05 3.70
N ILE C 18 2.11 -7.78 3.47
CA ILE C 18 1.95 -7.24 2.13
C ILE C 18 3.25 -7.36 1.33
N ALA C 19 4.36 -6.99 1.96
CA ALA C 19 5.67 -7.11 1.35
C ALA C 19 5.96 -8.57 0.98
N TRP C 20 5.64 -9.48 1.90
CA TRP C 20 5.88 -10.89 1.66
C TRP C 20 5.08 -11.38 0.46
N SER C 21 3.79 -11.06 0.43
CA SER C 21 2.91 -11.46 -0.67
C SER C 21 3.36 -10.91 -2.03
N LEU C 22 3.77 -9.64 -2.05
CA LEU C 22 4.22 -9.04 -3.30
C LEU C 22 5.52 -9.68 -3.82
N LYS C 23 6.40 -10.10 -2.91
CA LYS C 23 7.60 -10.84 -3.30
C LYS C 23 7.24 -12.17 -3.96
N GLU C 24 6.26 -12.88 -3.39
CA GLU C 24 5.77 -14.14 -3.97
C GLU C 24 5.15 -13.93 -5.33
N ILE C 25 4.39 -12.84 -5.45
CA ILE C 25 3.78 -12.47 -6.72
C ILE C 25 4.87 -12.20 -7.76
N ALA C 26 5.89 -11.42 -7.38
CA ALA C 26 6.98 -11.10 -8.29
C ALA C 26 7.70 -12.37 -8.78
N LYS C 27 7.94 -13.30 -7.87
CA LYS C 27 8.57 -14.57 -8.24
C LYS C 27 7.74 -15.37 -9.26
N SER C 28 6.44 -15.45 -9.02
CA SER C 28 5.54 -16.22 -9.87
C SER C 28 5.49 -15.66 -11.29
N LEU C 29 5.63 -14.35 -11.42
CA LEU C 29 5.47 -13.67 -12.71
C LEU C 29 6.70 -13.82 -13.59
N LYS C 30 7.74 -14.46 -13.08
CA LYS C 30 8.95 -14.65 -13.88
C LYS C 30 8.76 -15.80 -14.88
N GLY C 31 7.95 -16.78 -14.50
CA GLY C 31 7.69 -17.92 -15.36
C GLY C 31 6.82 -18.95 -14.69
N GLY D 2 -9.58 9.88 19.41
CA GLY D 2 -10.00 11.01 18.60
C GLY D 2 -10.01 10.67 17.13
N GLU D 3 -10.14 11.68 16.27
CA GLU D 3 -10.21 11.49 14.83
C GLU D 3 -8.98 10.79 14.24
N ILE D 4 -7.80 11.15 14.72
CA ILE D 4 -6.58 10.51 14.23
C ILE D 4 -6.59 9.01 14.52
N ALA D 5 -6.93 8.66 15.76
CA ALA D 5 -7.03 7.25 16.17
C ALA D 5 -8.07 6.51 15.34
N LYS D 6 -9.23 7.15 15.16
CA LYS D 6 -10.29 6.57 14.33
C LYS D 6 -9.79 6.28 12.91
N SER D 7 -9.10 7.25 12.31
CA SER D 7 -8.58 7.09 10.95
C SER D 7 -7.53 5.98 10.88
N LEU D 8 -6.70 5.90 11.91
CA LEU D 8 -5.67 4.87 11.94
C LEU D 8 -6.30 3.49 12.07
N LYS D 9 -7.38 3.39 12.84
CA LYS D 9 -8.11 2.12 12.90
C LYS D 9 -8.67 1.77 11.55
N GLU D 10 -9.21 2.76 10.85
CA GLU D 10 -9.73 2.54 9.50
C GLU D 10 -8.59 2.10 8.59
N ILE D 11 -7.46 2.79 8.71
CA ILE D 11 -6.28 2.49 7.91
C ILE D 11 -5.78 1.07 8.20
N ALA D 12 -5.74 0.71 9.49
CA ALA D 12 -5.30 -0.62 9.88
C ALA D 12 -6.24 -1.66 9.31
N LYS D 13 -7.55 -1.40 9.37
CA LYS D 13 -8.55 -2.33 8.83
C LYS D 13 -8.36 -2.52 7.33
N SER D 14 -8.12 -1.41 6.63
CA SER D 14 -7.94 -1.51 5.19
C SER D 14 -6.68 -2.29 4.80
N LEU D 15 -5.60 -2.11 5.55
CA LEU D 15 -4.36 -2.82 5.24
C LEU D 15 -4.50 -4.32 5.50
N LYS D 16 -5.34 -4.67 6.48
CA LYS D 16 -5.63 -6.09 6.72
C LYS D 16 -6.33 -6.68 5.52
N GLU D 17 -7.28 -5.93 4.96
CA GLU D 17 -8.00 -6.37 3.76
C GLU D 17 -7.05 -6.50 2.59
N ILE D 18 -6.20 -5.50 2.43
CA ILE D 18 -5.22 -5.47 1.35
C ILE D 18 -4.25 -6.66 1.47
N ALA D 19 -3.78 -6.91 2.68
CA ALA D 19 -2.89 -8.05 2.93
C ALA D 19 -3.57 -9.35 2.54
N TRP D 20 -4.83 -9.49 2.93
CA TRP D 20 -5.61 -10.69 2.66
C TRP D 20 -5.80 -10.89 1.15
N SER D 21 -6.20 -9.83 0.45
CA SER D 21 -6.37 -9.88 -1.00
C SER D 21 -5.08 -10.24 -1.72
N LEU D 22 -3.96 -9.68 -1.28
CA LEU D 22 -2.68 -9.99 -1.90
C LEU D 22 -2.28 -11.46 -1.68
N LYS D 23 -2.64 -12.03 -0.53
CA LYS D 23 -2.40 -13.47 -0.31
C LYS D 23 -3.20 -14.30 -1.31
N GLU D 24 -4.45 -13.88 -1.53
CA GLU D 24 -5.31 -14.57 -2.47
C GLU D 24 -4.71 -14.49 -3.87
N ILE D 25 -4.21 -13.32 -4.23
CA ILE D 25 -3.58 -13.12 -5.54
C ILE D 25 -2.32 -13.99 -5.68
N ALA D 26 -1.50 -14.01 -4.64
CA ALA D 26 -0.29 -14.83 -4.64
C ALA D 26 -0.64 -16.32 -4.78
N LYS D 27 -1.66 -16.75 -4.05
CA LYS D 27 -2.10 -18.15 -4.11
C LYS D 27 -2.55 -18.48 -5.52
N SER D 28 -3.28 -17.56 -6.13
CA SER D 28 -3.80 -17.74 -7.49
C SER D 28 -2.69 -17.88 -8.52
N LEU D 29 -1.59 -17.16 -8.33
CA LEU D 29 -0.54 -17.18 -9.34
C LEU D 29 0.30 -18.45 -9.26
N LYS D 30 0.12 -19.23 -8.21
CA LYS D 30 0.82 -20.52 -8.10
C LYS D 30 0.07 -21.66 -8.80
N GLY D 31 -1.25 -21.62 -8.76
CA GLY D 31 -2.07 -22.66 -9.35
N GLY E 2 -7.73 18.65 12.44
CA GLY E 2 -6.68 19.48 11.86
C GLY E 2 -6.11 18.92 10.56
N GLU E 3 -5.01 19.49 10.10
CA GLU E 3 -4.39 19.09 8.84
C GLU E 3 -3.99 17.62 8.82
N ILE E 4 -3.43 17.13 9.92
CA ILE E 4 -3.03 15.74 10.01
C ILE E 4 -4.24 14.82 9.91
N ALA E 5 -5.27 15.15 10.68
CA ALA E 5 -6.51 14.39 10.67
C ALA E 5 -7.14 14.38 9.28
N LYS E 6 -7.17 15.54 8.63
CA LYS E 6 -7.72 15.67 7.29
C LYS E 6 -6.98 14.73 6.34
N SER E 7 -5.66 14.75 6.39
CA SER E 7 -4.87 13.89 5.52
C SER E 7 -5.10 12.42 5.81
N LEU E 8 -5.25 12.10 7.09
CA LEU E 8 -5.46 10.72 7.50
C LEU E 8 -6.80 10.20 6.99
N LYS E 9 -7.80 11.06 6.99
CA LYS E 9 -9.08 10.71 6.39
C LYS E 9 -8.92 10.46 4.89
N GLU E 10 -8.11 11.30 4.25
CA GLU E 10 -7.84 11.14 2.82
C GLU E 10 -7.16 9.80 2.54
N ILE E 11 -6.14 9.51 3.34
CA ILE E 11 -5.37 8.29 3.26
C ILE E 11 -6.30 7.10 3.52
N ALA E 12 -7.15 7.23 4.52
CA ALA E 12 -8.10 6.18 4.85
C ALA E 12 -9.07 5.94 3.67
N LYS E 13 -9.59 7.01 3.06
CA LYS E 13 -10.45 6.82 1.89
C LYS E 13 -9.73 6.12 0.75
N SER E 14 -8.50 6.54 0.47
CA SER E 14 -7.75 5.94 -0.62
C SER E 14 -7.45 4.45 -0.37
N LEU E 15 -7.16 4.09 0.87
CA LEU E 15 -6.88 2.72 1.22
C LEU E 15 -8.13 1.85 1.11
N LYS E 16 -9.29 2.43 1.37
CA LYS E 16 -10.54 1.71 1.15
C LYS E 16 -10.70 1.42 -0.34
N GLU E 17 -10.40 2.40 -1.18
CA GLU E 17 -10.49 2.19 -2.62
C GLU E 17 -9.50 1.14 -3.12
N ILE E 18 -8.28 1.21 -2.60
CA ILE E 18 -7.22 0.27 -2.94
C ILE E 18 -7.61 -1.15 -2.54
N ALA E 19 -8.18 -1.29 -1.35
CA ALA E 19 -8.66 -2.59 -0.85
C ALA E 19 -9.75 -3.12 -1.79
N TRP E 20 -10.66 -2.25 -2.18
CA TRP E 20 -11.73 -2.65 -3.09
C TRP E 20 -11.17 -3.12 -4.43
N SER E 21 -10.27 -2.35 -5.01
CA SER E 21 -9.68 -2.73 -6.29
C SER E 21 -8.91 -4.05 -6.19
N LEU E 22 -8.16 -4.23 -5.10
CA LEU E 22 -7.42 -5.46 -4.91
C LEU E 22 -8.33 -6.65 -4.69
N LYS E 23 -9.47 -6.43 -4.03
CA LYS E 23 -10.45 -7.50 -3.89
C LYS E 23 -10.96 -7.88 -5.28
N GLU E 24 -11.23 -6.88 -6.11
CA GLU E 24 -11.71 -7.16 -7.46
CA GLU E 24 -11.68 -7.08 -7.49
C GLU E 24 -10.65 -7.87 -8.30
N ILE E 25 -9.39 -7.47 -8.18
CA ILE E 25 -8.32 -8.12 -8.93
C ILE E 25 -8.21 -9.58 -8.50
N ALA E 26 -8.25 -9.80 -7.20
CA ALA E 26 -8.14 -11.15 -6.63
C ALA E 26 -9.27 -12.03 -7.15
N LYS E 27 -10.47 -11.46 -7.21
CA LYS E 27 -11.63 -12.18 -7.70
C LYS E 27 -11.46 -12.55 -9.18
N SER E 28 -10.94 -11.61 -9.98
CA SER E 28 -10.73 -11.84 -11.41
C SER E 28 -9.72 -12.94 -11.70
N LEU E 29 -8.69 -13.04 -10.87
CA LEU E 29 -7.60 -13.96 -11.13
C LEU E 29 -7.95 -15.39 -10.73
N LYS E 30 -9.14 -15.58 -10.16
CA LYS E 30 -9.58 -16.91 -9.78
C LYS E 30 -10.14 -17.67 -10.99
N GLY E 31 -10.78 -16.94 -11.90
CA GLY E 31 -11.35 -17.55 -13.09
N GLY F 2 3.08 21.56 9.52
CA GLY F 2 4.45 21.17 9.82
C GLY F 2 4.97 20.10 8.88
N GLU F 3 6.13 19.55 9.20
CA GLU F 3 6.77 18.52 8.37
C GLU F 3 5.94 17.25 8.21
N ILE F 4 5.36 16.82 9.31
CA ILE F 4 4.53 15.63 9.36
C ILE F 4 3.34 15.85 8.43
N ALA F 5 2.72 17.01 8.61
CA ALA F 5 1.59 17.43 7.81
C ALA F 5 1.95 17.48 6.32
N LYS F 6 3.08 18.10 5.99
CA LYS F 6 3.55 18.17 4.60
C LYS F 6 3.75 16.76 4.03
N SER F 7 4.41 15.92 4.81
CA SER F 7 4.65 14.55 4.45
C SER F 7 3.32 13.85 4.34
N LEU F 8 2.40 14.11 5.24
CA LEU F 8 1.11 13.44 5.14
C LEU F 8 0.35 13.87 3.87
N LYS F 9 0.44 15.14 3.48
CA LYS F 9 -0.18 15.55 2.21
C LYS F 9 0.51 14.86 1.06
N GLU F 10 1.83 14.77 1.16
CA GLU F 10 2.59 14.04 0.18
C GLU F 10 2.16 12.60 0.19
N ILE F 11 2.00 12.03 1.38
CA ILE F 11 1.55 10.65 1.43
C ILE F 11 0.15 10.46 0.85
N ALA F 12 -0.77 11.36 1.15
CA ALA F 12 -2.13 11.26 0.62
C ALA F 12 -2.20 11.31 -0.92
N LYS F 13 -1.40 12.16 -1.54
CA LYS F 13 -1.41 12.24 -3.01
C LYS F 13 -0.96 10.97 -3.70
N SER F 14 0.12 10.35 -3.23
CA SER F 14 0.59 9.13 -3.97
C SER F 14 -0.43 7.98 -3.90
N LEU F 15 -1.13 7.88 -2.78
CA LEU F 15 -2.14 6.86 -2.53
C LEU F 15 -3.34 7.11 -3.46
N LYS F 16 -3.60 8.38 -3.77
CA LYS F 16 -4.61 8.65 -4.80
C LYS F 16 -4.13 8.13 -6.15
N GLU F 17 -2.85 8.32 -6.47
CA GLU F 17 -2.32 7.82 -7.76
C GLU F 17 -2.37 6.29 -7.83
N ILE F 18 -1.99 5.68 -6.71
CA ILE F 18 -1.96 4.24 -6.52
C ILE F 18 -3.36 3.65 -6.64
N ALA F 19 -4.33 4.30 -6.02
CA ALA F 19 -5.75 3.91 -6.10
C ALA F 19 -6.22 3.96 -7.53
N TRP F 20 -5.86 5.03 -8.24
CA TRP F 20 -6.26 5.15 -9.66
C TRP F 20 -5.67 4.06 -10.50
N SER F 21 -4.36 3.84 -10.34
CA SER F 21 -3.67 2.79 -11.10
C SER F 21 -4.30 1.41 -10.87
N LEU F 22 -4.63 1.11 -9.62
CA LEU F 22 -5.25 -0.15 -9.28
C LEU F 22 -6.67 -0.26 -9.86
N LYS F 23 -7.39 0.85 -9.94
CA LYS F 23 -8.68 0.84 -10.65
C LYS F 23 -8.47 0.49 -12.11
N GLU F 24 -7.44 1.07 -12.72
CA GLU F 24 -7.15 0.78 -14.12
C GLU F 24 -6.79 -0.70 -14.31
N ILE F 25 -5.96 -1.20 -13.41
CA ILE F 25 -5.50 -2.58 -13.41
C ILE F 25 -6.68 -3.50 -13.21
N ALA F 26 -7.55 -3.17 -12.26
CA ALA F 26 -8.75 -3.98 -12.02
C ALA F 26 -9.60 -4.02 -13.28
N LYS F 27 -9.72 -2.88 -13.95
CA LYS F 27 -10.48 -2.82 -15.22
C LYS F 27 -9.87 -3.69 -16.33
N SER F 28 -8.55 -3.65 -16.48
CA SER F 28 -7.88 -4.43 -17.52
C SER F 28 -8.07 -5.92 -17.31
N LEU F 29 -8.08 -6.35 -16.05
CA LEU F 29 -8.13 -7.77 -15.74
C LEU F 29 -9.54 -8.37 -15.78
N LYS F 30 -10.57 -7.56 -16.00
CA LYS F 30 -11.91 -8.12 -16.12
C LYS F 30 -12.16 -8.63 -17.54
#